data_1H9D
#
_entry.id   1H9D
#
_cell.length_a   115.033
_cell.length_b   115.033
_cell.length_c   133.925
_cell.angle_alpha   90.00
_cell.angle_beta   90.00
_cell.angle_gamma   90.00
#
_symmetry.space_group_name_H-M   'P 43 21 2'
#
loop_
_entity.id
_entity.type
_entity.pdbx_description
1 polymer 'CORE-BINDING FACTOR ALPHA SUBUNIT1'
2 polymer 'CORE-BINDING FACTOR CBF-BETA'
3 polymer "DNA (5'-(*GP*TP*TP*GP*CP*GP*GP*TP*TP*G)-3')"
4 polymer "DNA (5'-(*CP*AP*AP*CP*CP*GP*CP*AP*AP*C)-3')"
5 water water
#
loop_
_entity_poly.entity_id
_entity_poly.type
_entity_poly.pdbx_seq_one_letter_code
_entity_poly.pdbx_strand_id
1 'polypeptide(L)'
;SMVEVLADHPGELVRTDSPNFLCSVLPTHWRCNKTLPIAFKVVALGDVPDGTLVTVMAGNDENYSAELRNATAAMKNQVA
RFNDLRFVGRSGRGKSFTLTITVFTNPPQVATYHRAIKITVDGPREPRRHRQKL
;
A,C
2 'polypeptide(L)'
;PRVVPDQRSKFENEEFFRKLSRECEIKYTGFRDRPHEERQARFQNACRDGRSEIAFVATGTNLSLQFFPASWQGEQRQTP
SREYVDLEREAGKVYLKAPMILNGVCVIWKGWIDLQRLDGMGCLEFDEERAQQE
;
B,D
3 'polydeoxyribonucleotide' (DG)(DT)(DT)(DG)(DC)(DG)(DG)(DT)(DT)(DG) E,G
4 'polydeoxyribonucleotide' (DC)(DA)(DA)(DC)(DC)(DG)(DC)(DA)(DA)(DC) F,H
#
# COMPACT_ATOMS: atom_id res chain seq x y z
N VAL A 5 39.53 -34.13 -12.49
CA VAL A 5 38.51 -35.22 -12.57
C VAL A 5 38.07 -35.49 -14.01
N LEU A 6 36.77 -35.31 -14.33
CA LEU A 6 36.25 -35.56 -15.69
C LEU A 6 36.09 -34.32 -16.58
N ALA A 7 35.27 -33.36 -16.14
CA ALA A 7 35.04 -32.13 -16.89
C ALA A 7 34.12 -32.37 -18.11
N ASP A 8 32.90 -31.80 -18.11
CA ASP A 8 31.92 -31.99 -19.21
C ASP A 8 30.40 -31.88 -18.88
N HIS A 9 29.79 -30.69 -18.90
CA HIS A 9 28.35 -30.63 -18.56
C HIS A 9 27.38 -29.60 -19.17
N PRO A 10 27.87 -28.46 -19.71
CA PRO A 10 26.96 -27.45 -20.28
C PRO A 10 25.98 -27.94 -21.32
N GLY A 11 26.43 -28.92 -22.10
CA GLY A 11 25.61 -29.49 -23.15
C GLY A 11 25.57 -28.71 -24.45
N GLU A 12 24.43 -28.77 -25.10
CA GLU A 12 24.20 -28.13 -26.38
C GLU A 12 23.77 -26.66 -26.24
N LEU A 13 24.66 -25.72 -26.55
CA LEU A 13 24.36 -24.30 -26.36
C LEU A 13 24.26 -23.50 -27.59
N VAL A 14 23.51 -22.41 -27.48
CA VAL A 14 23.37 -21.47 -28.58
C VAL A 14 23.50 -20.11 -28.05
N ARG A 15 23.70 -19.16 -28.94
CA ARG A 15 23.91 -17.79 -28.54
C ARG A 15 22.64 -17.16 -28.19
N THR A 16 22.66 -16.22 -27.30
CA THR A 16 21.43 -15.54 -27.02
C THR A 16 21.67 -14.23 -27.74
N ASP A 17 20.73 -13.29 -27.64
CA ASP A 17 20.90 -11.99 -28.26
C ASP A 17 21.83 -11.14 -27.40
N SER A 18 22.40 -11.70 -26.35
CA SER A 18 23.32 -10.92 -25.55
C SER A 18 24.71 -11.48 -25.73
N PRO A 19 25.71 -10.62 -25.80
CA PRO A 19 27.10 -11.03 -25.97
C PRO A 19 27.70 -11.59 -24.70
N ASN A 20 26.91 -11.66 -23.64
CA ASN A 20 27.41 -12.15 -22.35
C ASN A 20 26.75 -13.45 -21.91
N PHE A 21 25.92 -14.05 -22.76
CA PHE A 21 25.27 -15.29 -22.33
C PHE A 21 24.92 -16.22 -23.45
N LEU A 22 25.01 -17.50 -23.15
CA LEU A 22 24.63 -18.54 -24.07
C LEU A 22 23.47 -19.29 -23.34
N CYS A 23 22.65 -20.03 -24.05
CA CYS A 23 21.70 -20.85 -23.32
C CYS A 23 21.52 -22.21 -24.04
N SER A 24 20.90 -23.19 -23.39
CA SER A 24 20.71 -24.49 -24.01
C SER A 24 19.79 -24.33 -25.21
N VAL A 25 19.86 -25.30 -26.09
CA VAL A 25 19.05 -25.37 -27.25
C VAL A 25 17.72 -25.95 -26.79
N LEU A 26 16.63 -25.37 -27.23
CA LEU A 26 15.31 -25.85 -26.86
C LEU A 26 14.63 -26.53 -28.04
N PRO A 27 13.65 -27.39 -27.77
CA PRO A 27 12.96 -28.05 -28.86
C PRO A 27 12.24 -26.95 -29.61
N THR A 28 12.06 -27.12 -30.91
CA THR A 28 11.38 -26.10 -31.71
C THR A 28 9.92 -25.94 -31.32
N HIS A 29 9.31 -27.09 -31.03
CA HIS A 29 7.90 -27.20 -30.70
C HIS A 29 7.83 -28.15 -29.48
N TRP A 30 7.05 -27.77 -28.47
CA TRP A 30 6.90 -28.59 -27.28
C TRP A 30 5.51 -28.44 -26.67
N ARG A 31 5.18 -29.40 -25.83
CA ARG A 31 3.88 -29.44 -25.20
C ARG A 31 3.80 -28.52 -24.02
N CYS A 32 2.66 -27.91 -23.87
CA CYS A 32 2.54 -27.02 -22.79
C CYS A 32 2.51 -27.83 -21.49
N ASN A 33 3.11 -27.24 -20.46
CA ASN A 33 3.22 -27.85 -19.14
C ASN A 33 4.01 -29.15 -19.07
N LYS A 34 4.70 -29.48 -20.16
CA LYS A 34 5.47 -30.69 -20.18
C LYS A 34 6.97 -30.51 -19.96
N THR A 35 7.54 -31.34 -19.13
CA THR A 35 8.95 -31.31 -18.84
C THR A 35 9.73 -31.35 -20.14
N LEU A 36 10.72 -30.49 -20.23
CA LEU A 36 11.56 -30.41 -21.42
C LEU A 36 12.47 -31.60 -21.62
N PRO A 37 12.91 -31.83 -22.86
CA PRO A 37 13.81 -32.98 -23.11
C PRO A 37 15.21 -32.83 -22.51
N ILE A 38 15.64 -31.61 -22.19
CA ILE A 38 16.95 -31.43 -21.55
C ILE A 38 16.65 -30.44 -20.46
N ALA A 39 17.60 -30.21 -19.57
CA ALA A 39 17.37 -29.20 -18.53
C ALA A 39 17.92 -27.83 -19.07
N PHE A 40 17.04 -26.84 -19.08
CA PHE A 40 17.41 -25.54 -19.59
C PHE A 40 18.55 -24.97 -18.79
N LYS A 41 19.59 -24.47 -19.46
CA LYS A 41 20.72 -23.88 -18.79
C LYS A 41 21.08 -22.55 -19.39
N VAL A 42 21.55 -21.64 -18.52
CA VAL A 42 22.04 -20.31 -18.96
C VAL A 42 23.54 -20.27 -18.57
N VAL A 43 24.40 -20.08 -19.56
CA VAL A 43 25.83 -20.04 -19.33
C VAL A 43 26.29 -18.63 -19.52
N ALA A 44 27.05 -18.11 -18.52
CA ALA A 44 27.54 -16.73 -18.59
C ALA A 44 28.97 -16.77 -19.08
N LEU A 45 29.27 -15.89 -20.02
CA LEU A 45 30.60 -15.78 -20.55
C LEU A 45 31.40 -14.99 -19.52
N GLY A 46 31.13 -13.68 -19.44
CA GLY A 46 31.83 -12.85 -18.49
C GLY A 46 31.62 -13.35 -17.07
N ASP A 47 32.58 -13.08 -16.20
CA ASP A 47 32.48 -13.49 -14.80
C ASP A 47 31.11 -13.09 -14.20
N VAL A 48 30.49 -14.04 -13.50
CA VAL A 48 29.26 -13.77 -12.78
C VAL A 48 29.33 -14.50 -11.43
N PRO A 49 29.28 -13.77 -10.33
CA PRO A 49 29.34 -14.45 -9.03
C PRO A 49 28.30 -15.53 -8.85
N ASP A 50 28.70 -16.56 -8.13
CA ASP A 50 27.84 -17.68 -7.80
C ASP A 50 26.70 -17.13 -7.02
N GLY A 51 25.51 -17.71 -7.16
CA GLY A 51 24.38 -17.23 -6.39
C GLY A 51 23.54 -16.16 -7.04
N THR A 52 24.00 -15.63 -8.14
CA THR A 52 23.23 -14.64 -8.86
C THR A 52 21.98 -15.34 -9.41
N LEU A 53 20.84 -14.68 -9.24
CA LEU A 53 19.62 -15.29 -9.65
C LEU A 53 19.46 -15.09 -11.10
N VAL A 54 18.82 -16.06 -11.73
CA VAL A 54 18.56 -15.96 -13.13
C VAL A 54 17.13 -16.42 -13.33
N THR A 55 16.38 -15.69 -14.16
CA THR A 55 14.98 -16.04 -14.42
C THR A 55 14.66 -16.05 -15.88
N VAL A 56 13.59 -16.76 -16.22
CA VAL A 56 13.14 -16.81 -17.62
C VAL A 56 11.69 -16.34 -17.68
N MET A 57 11.39 -15.55 -18.71
CA MET A 57 10.03 -15.03 -18.97
C MET A 57 9.85 -15.17 -20.47
N ALA A 58 8.61 -15.24 -20.88
CA ALA A 58 8.37 -15.45 -22.29
C ALA A 58 7.12 -14.69 -22.73
N GLY A 59 7.09 -14.34 -24.01
CA GLY A 59 5.97 -13.63 -24.58
C GLY A 59 6.14 -13.54 -26.06
N ASN A 60 5.12 -13.03 -26.73
CA ASN A 60 5.23 -12.84 -28.17
C ASN A 60 4.03 -12.01 -28.57
N ASP A 61 3.84 -11.77 -29.86
CA ASP A 61 2.75 -10.88 -30.27
C ASP A 61 1.33 -11.44 -30.15
N GLU A 62 1.19 -12.54 -29.43
CA GLU A 62 -0.10 -13.14 -29.26
C GLU A 62 -0.41 -13.40 -27.78
N ASN A 63 0.59 -13.81 -27.03
CA ASN A 63 0.43 -14.08 -25.61
C ASN A 63 1.49 -13.10 -25.15
N TYR A 64 1.10 -12.03 -24.50
CA TYR A 64 2.08 -11.03 -24.16
C TYR A 64 2.94 -11.46 -22.99
N SER A 65 2.45 -12.40 -22.22
CA SER A 65 3.22 -12.90 -21.10
C SER A 65 2.83 -14.34 -20.77
N ALA A 66 3.62 -15.29 -21.24
CA ALA A 66 3.29 -16.68 -21.04
C ALA A 66 3.56 -17.17 -19.62
N GLU A 67 2.66 -18.01 -19.14
CA GLU A 67 2.80 -18.60 -17.82
C GLU A 67 3.86 -19.69 -17.84
N LEU A 68 4.78 -19.62 -16.88
CA LEU A 68 5.87 -20.58 -16.80
C LEU A 68 5.90 -21.26 -15.46
N ARG A 69 6.76 -22.25 -15.31
CA ARG A 69 6.90 -22.95 -14.03
C ARG A 69 8.40 -23.21 -13.78
N ASN A 70 8.82 -22.97 -12.54
CA ASN A 70 10.21 -23.16 -12.16
C ASN A 70 11.11 -22.30 -13.00
N ALA A 71 10.72 -21.04 -13.23
CA ALA A 71 11.51 -20.13 -14.03
C ALA A 71 12.58 -19.36 -13.32
N THR A 72 13.01 -19.79 -12.12
CA THR A 72 14.13 -19.10 -11.41
C THR A 72 15.26 -20.07 -11.15
N ALA A 73 16.50 -19.62 -11.27
CA ALA A 73 17.65 -20.48 -11.03
C ALA A 73 18.83 -19.67 -10.49
N ALA A 74 19.89 -20.34 -10.08
CA ALA A 74 21.01 -19.57 -9.53
C ALA A 74 22.30 -19.97 -10.18
N MET A 75 23.16 -18.99 -10.40
CA MET A 75 24.45 -19.23 -11.05
C MET A 75 25.38 -19.99 -10.13
N LYS A 76 26.02 -21.01 -10.69
CA LYS A 76 27.05 -21.79 -10.00
C LYS A 76 28.10 -22.09 -11.06
N ASN A 77 29.31 -21.55 -10.88
CA ASN A 77 30.37 -21.74 -11.84
C ASN A 77 30.00 -21.27 -13.27
N GLN A 78 29.39 -20.08 -13.34
CA GLN A 78 29.03 -19.50 -14.63
C GLN A 78 27.83 -20.17 -15.31
N VAL A 79 27.23 -21.15 -14.64
CA VAL A 79 26.10 -21.84 -15.22
C VAL A 79 24.86 -21.84 -14.30
N ALA A 80 23.74 -21.41 -14.84
CA ALA A 80 22.55 -21.41 -14.02
C ALA A 80 21.71 -22.52 -14.60
N ARG A 81 21.58 -23.64 -13.89
CA ARG A 81 20.79 -24.76 -14.37
C ARG A 81 19.35 -24.76 -13.87
N PHE A 82 18.39 -24.72 -14.76
CA PHE A 82 17.02 -24.78 -14.30
C PHE A 82 16.58 -26.20 -14.12
N ASN A 83 15.92 -26.45 -13.02
CA ASN A 83 15.37 -27.76 -12.72
C ASN A 83 13.91 -27.75 -13.23
N ASP A 84 13.56 -28.62 -14.15
CA ASP A 84 12.16 -28.61 -14.62
C ASP A 84 11.48 -27.34 -15.16
N LEU A 85 12.19 -26.46 -15.84
CA LEU A 85 11.54 -25.29 -16.45
C LEU A 85 10.43 -25.78 -17.39
N ARG A 86 9.26 -25.16 -17.33
CA ARG A 86 8.12 -25.53 -18.18
C ARG A 86 7.36 -24.35 -18.71
N PHE A 87 6.86 -24.55 -19.93
CA PHE A 87 6.04 -23.55 -20.56
C PHE A 87 4.59 -23.97 -20.43
N VAL A 88 3.79 -23.18 -19.76
CA VAL A 88 2.37 -23.49 -19.62
C VAL A 88 1.52 -22.70 -20.65
N GLY A 89 1.81 -21.41 -20.81
CA GLY A 89 1.08 -20.62 -21.77
C GLY A 89 1.31 -21.04 -23.22
N ARG A 90 0.29 -20.93 -24.07
CA ARG A 90 0.41 -21.29 -25.46
C ARG A 90 0.98 -20.11 -26.25
N SER A 91 1.69 -20.41 -27.34
CA SER A 91 2.31 -19.36 -28.13
C SER A 91 1.51 -19.00 -29.39
N GLY A 92 0.55 -19.83 -29.77
CA GLY A 92 -0.22 -19.50 -30.94
C GLY A 92 0.26 -20.26 -32.17
N ARG A 93 -0.71 -20.75 -32.95
CA ARG A 93 -0.46 -21.46 -34.20
C ARG A 93 0.70 -20.80 -34.97
N GLY A 94 1.56 -21.62 -35.54
CA GLY A 94 2.71 -21.11 -36.26
C GLY A 94 3.53 -20.08 -35.52
N LYS A 95 3.43 -19.98 -34.21
CA LYS A 95 4.22 -18.95 -33.57
C LYS A 95 5.14 -19.42 -32.47
N SER A 96 6.16 -18.65 -32.18
CA SER A 96 7.01 -19.07 -31.11
C SER A 96 7.29 -17.93 -30.14
N PHE A 97 7.66 -18.30 -28.92
CA PHE A 97 7.90 -17.33 -27.87
C PHE A 97 9.23 -16.72 -28.00
N THR A 98 9.33 -15.53 -27.46
CA THR A 98 10.59 -14.83 -27.40
C THR A 98 10.94 -14.94 -25.92
N LEU A 99 12.12 -15.43 -25.59
CA LEU A 99 12.44 -15.53 -24.18
C LEU A 99 13.15 -14.30 -23.70
N THR A 100 12.96 -14.01 -22.41
CA THR A 100 13.73 -12.96 -21.75
C THR A 100 14.47 -13.62 -20.57
N ILE A 101 15.80 -13.65 -20.66
CA ILE A 101 16.63 -14.25 -19.62
C ILE A 101 17.20 -13.08 -18.92
N THR A 102 16.98 -13.00 -17.60
CA THR A 102 17.47 -11.90 -16.77
C THR A 102 18.44 -12.41 -15.72
N VAL A 103 19.64 -11.83 -15.68
CA VAL A 103 20.63 -12.26 -14.73
C VAL A 103 20.75 -11.10 -13.76
N PHE A 104 20.43 -11.37 -12.51
CA PHE A 104 20.37 -10.33 -11.50
C PHE A 104 21.64 -9.84 -10.82
N THR A 105 22.44 -9.12 -11.57
CA THR A 105 23.67 -8.50 -11.06
C THR A 105 23.17 -7.07 -10.90
N ASN A 106 23.99 -6.11 -10.46
CA ASN A 106 23.54 -4.70 -10.35
C ASN A 106 24.32 -3.83 -11.28
N PRO A 107 23.70 -3.33 -12.35
CA PRO A 107 22.29 -3.62 -12.66
C PRO A 107 22.12 -5.02 -13.28
N PRO A 108 20.89 -5.38 -13.53
CA PRO A 108 20.62 -6.70 -14.13
C PRO A 108 21.13 -6.72 -15.59
N GLN A 109 21.47 -7.90 -16.09
CA GLN A 109 21.87 -8.06 -17.47
C GLN A 109 20.72 -8.88 -18.06
N VAL A 110 20.25 -8.48 -19.23
CA VAL A 110 19.15 -9.16 -19.86
C VAL A 110 19.52 -9.67 -21.26
N ALA A 111 19.05 -10.84 -21.60
CA ALA A 111 19.33 -11.44 -22.89
C ALA A 111 18.07 -12.06 -23.45
N THR A 112 17.74 -11.71 -24.68
CA THR A 112 16.57 -12.29 -25.26
C THR A 112 17.00 -13.43 -26.21
N TYR A 113 16.06 -14.30 -26.52
CA TYR A 113 16.28 -15.41 -27.41
C TYR A 113 14.95 -15.36 -28.21
N HIS A 114 15.02 -14.86 -29.44
CA HIS A 114 13.82 -14.75 -30.26
C HIS A 114 13.43 -16.06 -30.94
N ARG A 115 12.12 -16.25 -31.09
CA ARG A 115 11.63 -17.44 -31.77
C ARG A 115 12.29 -18.66 -31.19
N ALA A 116 12.34 -18.71 -29.87
CA ALA A 116 13.01 -19.84 -29.20
C ALA A 116 12.19 -21.12 -29.14
N ILE A 117 10.87 -21.03 -29.01
CA ILE A 117 10.11 -22.23 -28.90
C ILE A 117 8.63 -22.00 -29.07
N LYS A 118 7.96 -22.92 -29.76
CA LYS A 118 6.51 -22.84 -29.95
C LYS A 118 5.90 -23.84 -28.94
N ILE A 119 4.91 -23.35 -28.19
CA ILE A 119 4.25 -24.17 -27.22
C ILE A 119 2.76 -24.37 -27.57
N THR A 120 2.36 -25.60 -27.74
CA THR A 120 0.97 -25.89 -28.12
C THR A 120 0.46 -26.92 -27.14
N VAL A 121 -0.86 -27.07 -27.11
CA VAL A 121 -1.55 -27.94 -26.21
C VAL A 121 -1.20 -29.37 -26.40
N ASP A 122 -0.89 -29.74 -27.61
CA ASP A 122 -0.54 -31.11 -27.90
C ASP A 122 0.93 -31.37 -28.01
N GLY A 123 1.66 -30.38 -28.48
CA GLY A 123 3.07 -30.59 -28.69
C GLY A 123 3.22 -31.31 -30.01
N PRO A 124 4.44 -31.58 -30.44
CA PRO A 124 4.70 -32.26 -31.70
C PRO A 124 3.87 -33.52 -31.83
N ARG A 125 3.31 -33.74 -33.02
CA ARG A 125 2.51 -34.94 -33.30
C ARG A 125 2.65 -35.49 -34.71
N GLU A 126 2.74 -36.81 -34.80
CA GLU A 126 2.85 -37.48 -36.11
C GLU A 126 1.58 -37.28 -36.94
N PRO A 127 1.72 -36.97 -38.23
CA PRO A 127 0.56 -36.75 -39.11
C PRO A 127 -0.40 -37.92 -39.05
N ARG A 128 -1.68 -37.68 -39.37
CA ARG A 128 -2.66 -38.77 -39.28
C ARG A 128 -3.71 -39.09 -40.37
N ARG A 129 -5.21 -41.06 -42.27
CA ARG A 129 -6.38 -40.28 -42.64
C ARG A 129 -6.03 -39.22 -43.69
N PRO B 1 31.37 -10.89 -23.08
CA PRO B 1 31.54 -9.61 -22.34
C PRO B 1 30.19 -8.96 -22.09
N ARG B 2 30.13 -8.09 -21.09
CA ARG B 2 28.89 -7.41 -20.78
C ARG B 2 28.24 -6.60 -21.93
N VAL B 3 29.02 -5.85 -22.72
CA VAL B 3 28.38 -5.07 -23.78
C VAL B 3 28.98 -5.32 -25.14
N VAL B 4 28.35 -4.83 -26.20
CA VAL B 4 28.90 -4.99 -27.52
C VAL B 4 29.84 -3.82 -27.68
N PRO B 5 30.71 -3.87 -28.71
CA PRO B 5 31.62 -2.72 -28.85
C PRO B 5 31.04 -1.39 -29.30
N ASP B 6 29.86 -1.34 -29.91
CA ASP B 6 29.30 -0.02 -30.20
C ASP B 6 27.82 -0.03 -29.77
N GLN B 7 27.60 0.31 -28.49
CA GLN B 7 26.26 0.31 -27.91
C GLN B 7 25.31 1.22 -28.60
N ARG B 8 25.64 2.50 -28.63
CA ARG B 8 24.77 3.43 -29.30
C ARG B 8 24.35 2.97 -30.70
N SER B 9 25.28 2.46 -31.50
CA SER B 9 24.86 2.07 -32.85
C SER B 9 23.82 0.94 -32.84
N LYS B 10 24.02 -0.06 -31.97
CA LYS B 10 23.10 -1.20 -31.85
C LYS B 10 21.72 -0.69 -31.52
N PHE B 11 21.71 0.17 -30.51
CA PHE B 11 20.48 0.78 -30.06
C PHE B 11 19.78 1.64 -31.09
N GLU B 12 20.52 2.34 -31.92
CA GLU B 12 19.82 3.19 -32.85
C GLU B 12 19.47 2.45 -34.12
N ASN B 13 20.19 1.38 -34.40
CA ASN B 13 19.98 0.60 -35.63
C ASN B 13 19.08 -0.65 -35.61
N GLU B 14 19.19 -1.56 -34.63
CA GLU B 14 18.39 -2.78 -34.61
C GLU B 14 16.92 -2.56 -34.34
N GLU B 15 16.11 -3.25 -35.11
CA GLU B 15 14.70 -3.15 -34.98
C GLU B 15 14.30 -3.45 -33.54
N PHE B 16 14.98 -4.40 -32.91
CA PHE B 16 14.62 -4.78 -31.52
C PHE B 16 14.51 -3.55 -30.64
N PHE B 17 15.53 -2.71 -30.71
CA PHE B 17 15.49 -1.49 -29.90
C PHE B 17 14.53 -0.45 -30.44
N ARG B 18 14.68 -0.08 -31.71
CA ARG B 18 13.79 0.87 -32.34
C ARG B 18 12.32 0.64 -31.95
N LYS B 19 11.84 -0.59 -31.99
CA LYS B 19 10.45 -0.91 -31.63
C LYS B 19 10.15 -0.60 -30.19
N LEU B 20 11.18 -0.39 -29.40
CA LEU B 20 10.93 -0.14 -28.02
C LEU B 20 11.37 1.25 -27.60
N SER B 21 11.83 2.04 -28.55
CA SER B 21 12.35 3.35 -28.16
C SER B 21 11.35 4.48 -28.08
N ARG B 22 10.14 4.26 -28.60
CA ARG B 22 9.06 5.26 -28.50
C ARG B 22 8.07 4.69 -27.50
N GLU B 23 7.36 5.55 -26.79
CA GLU B 23 6.42 5.02 -25.80
C GLU B 23 5.40 4.06 -26.37
N CYS B 24 5.11 3.00 -25.61
CA CYS B 24 4.11 2.02 -26.03
C CYS B 24 3.47 1.30 -24.89
N GLU B 25 2.43 0.56 -25.24
CA GLU B 25 1.64 -0.16 -24.28
C GLU B 25 2.46 -1.18 -23.48
N ILE B 26 2.49 -1.03 -22.17
CA ILE B 26 3.18 -1.95 -21.32
C ILE B 26 2.14 -2.48 -20.38
N LYS B 27 2.50 -3.42 -19.54
CA LYS B 27 1.51 -3.99 -18.66
C LYS B 27 2.18 -4.87 -17.61
N TYR B 28 1.67 -4.80 -16.38
CA TYR B 28 2.20 -5.60 -15.27
C TYR B 28 1.86 -7.06 -15.55
N THR B 29 2.83 -7.93 -15.41
CA THR B 29 2.63 -9.36 -15.70
C THR B 29 2.69 -10.27 -14.47
N GLY B 30 2.99 -9.67 -13.31
CA GLY B 30 3.08 -10.42 -12.08
C GLY B 30 1.78 -11.00 -11.59
N PHE B 31 1.88 -12.11 -10.85
CA PHE B 31 0.74 -12.82 -10.28
C PHE B 31 -0.49 -12.83 -11.17
N ARG B 32 -0.30 -13.20 -12.42
CA ARG B 32 -1.38 -13.26 -13.40
C ARG B 32 -2.59 -14.15 -13.03
N ASP B 33 -2.42 -15.09 -12.11
CA ASP B 33 -3.52 -15.98 -11.76
C ASP B 33 -4.42 -15.51 -10.61
N ARG B 34 -3.95 -14.59 -9.79
CA ARG B 34 -4.69 -14.07 -8.66
C ARG B 34 -5.73 -13.05 -9.05
N PRO B 35 -6.70 -12.80 -8.16
CA PRO B 35 -7.76 -11.81 -8.46
C PRO B 35 -7.13 -10.44 -8.69
N HIS B 36 -7.78 -9.63 -9.52
CA HIS B 36 -7.24 -8.33 -9.82
C HIS B 36 -6.87 -7.47 -8.60
N GLU B 37 -7.74 -7.41 -7.59
CA GLU B 37 -7.46 -6.58 -6.41
C GLU B 37 -6.12 -6.92 -5.78
N GLU B 38 -5.81 -8.21 -5.72
CA GLU B 38 -4.56 -8.66 -5.15
C GLU B 38 -3.38 -8.19 -6.03
N ARG B 39 -3.54 -8.39 -7.33
CA ARG B 39 -2.52 -8.01 -8.29
C ARG B 39 -2.18 -6.55 -8.08
N GLN B 40 -3.19 -5.75 -7.79
CA GLN B 40 -2.97 -4.36 -7.53
C GLN B 40 -2.06 -4.21 -6.31
N ALA B 41 -2.35 -4.95 -5.25
CA ALA B 41 -1.56 -4.85 -4.03
C ALA B 41 -0.17 -5.32 -4.31
N ARG B 42 -0.07 -6.58 -4.77
CA ARG B 42 1.21 -7.22 -5.11
C ARG B 42 2.07 -6.26 -5.91
N PHE B 43 1.49 -5.69 -6.97
CA PHE B 43 2.20 -4.73 -7.80
C PHE B 43 2.86 -3.64 -6.95
N GLN B 44 2.04 -2.84 -6.27
CA GLN B 44 2.56 -1.77 -5.42
C GLN B 44 3.56 -2.19 -4.33
N ASN B 45 3.26 -3.29 -3.64
CA ASN B 45 4.16 -3.76 -2.59
C ASN B 45 5.57 -3.87 -3.16
N ALA B 46 5.69 -4.69 -4.20
CA ALA B 46 6.94 -4.93 -4.91
C ALA B 46 7.52 -3.64 -5.51
N CYS B 47 6.68 -2.73 -5.97
CA CYS B 47 7.22 -1.49 -6.49
C CYS B 47 7.98 -0.78 -5.37
N ARG B 48 7.36 -0.70 -4.20
CA ARG B 48 8.00 -0.05 -3.08
C ARG B 48 9.25 -0.84 -2.76
N ASP B 49 9.30 -2.09 -3.20
CA ASP B 49 10.46 -2.96 -3.00
C ASP B 49 11.49 -2.75 -4.11
N GLY B 50 11.22 -1.78 -4.98
CA GLY B 50 12.10 -1.45 -6.08
C GLY B 50 12.17 -2.47 -7.20
N ARG B 51 11.09 -3.21 -7.42
CA ARG B 51 11.11 -4.21 -8.45
C ARG B 51 9.73 -4.48 -9.02
N SER B 52 9.67 -5.06 -10.21
CA SER B 52 8.41 -5.40 -10.83
C SER B 52 8.66 -6.05 -12.16
N GLU B 53 7.62 -6.62 -12.76
CA GLU B 53 7.72 -7.28 -14.04
C GLU B 53 6.75 -6.69 -14.99
N ILE B 54 7.21 -6.30 -16.16
CA ILE B 54 6.31 -5.69 -17.14
C ILE B 54 6.60 -6.17 -18.53
N ALA B 55 5.58 -6.22 -19.38
CA ALA B 55 5.79 -6.66 -20.76
C ALA B 55 5.47 -5.55 -21.75
N PHE B 56 6.23 -5.43 -22.83
CA PHE B 56 5.86 -4.45 -23.85
C PHE B 56 4.81 -5.27 -24.62
N VAL B 57 3.54 -4.98 -24.40
CA VAL B 57 2.40 -5.70 -24.99
C VAL B 57 2.39 -6.01 -26.46
N ALA B 58 2.60 -5.00 -27.29
CA ALA B 58 2.57 -5.27 -28.69
C ALA B 58 3.55 -6.36 -29.11
N THR B 59 4.80 -6.34 -28.64
CA THR B 59 5.76 -7.33 -29.11
C THR B 59 5.80 -8.52 -28.20
N GLY B 60 5.29 -8.35 -26.99
CA GLY B 60 5.38 -9.45 -26.06
C GLY B 60 6.77 -9.51 -25.43
N THR B 61 7.58 -8.45 -25.47
CA THR B 61 8.89 -8.53 -24.84
C THR B 61 8.78 -8.27 -23.34
N ASN B 62 9.06 -9.30 -22.54
CA ASN B 62 8.99 -9.22 -21.09
C ASN B 62 10.30 -8.79 -20.48
N LEU B 63 10.21 -8.12 -19.32
CA LEU B 63 11.38 -7.63 -18.57
C LEU B 63 11.12 -7.59 -17.04
N SER B 64 12.09 -7.98 -16.23
CA SER B 64 11.94 -7.87 -14.77
C SER B 64 12.75 -6.61 -14.61
N LEU B 65 12.26 -5.72 -13.75
CA LEU B 65 12.90 -4.43 -13.52
C LEU B 65 13.39 -4.24 -12.09
N GLN B 66 14.48 -3.48 -11.97
CA GLN B 66 15.07 -3.13 -10.66
C GLN B 66 15.16 -1.63 -10.70
N PHE B 67 14.46 -0.97 -9.79
CA PHE B 67 14.46 0.48 -9.79
C PHE B 67 15.46 1.11 -8.81
N PHE B 68 16.73 0.98 -9.11
CA PHE B 68 17.80 1.55 -8.29
C PHE B 68 18.81 1.96 -9.32
N PRO B 69 19.79 2.77 -8.91
CA PRO B 69 20.80 3.19 -9.89
C PRO B 69 21.90 2.14 -10.11
N THR B 79 15.74 0.18 -0.18
CA THR B 79 14.53 0.92 -0.54
C THR B 79 14.75 1.88 -1.71
N PRO B 80 13.78 1.96 -2.65
CA PRO B 80 13.88 2.83 -3.82
C PRO B 80 13.76 4.32 -3.52
N SER B 81 14.15 5.14 -4.49
CA SER B 81 14.10 6.59 -4.36
C SER B 81 12.92 7.10 -5.16
N ARG B 82 12.46 8.31 -4.87
CA ARG B 82 11.34 8.89 -5.60
C ARG B 82 11.75 9.07 -7.06
N GLU B 83 13.06 9.11 -7.31
CA GLU B 83 13.62 9.27 -8.65
C GLU B 83 13.35 8.03 -9.49
N TYR B 84 13.42 6.87 -8.84
CA TYR B 84 13.20 5.59 -9.49
C TYR B 84 11.76 5.03 -9.35
N VAL B 85 11.17 5.24 -8.18
CA VAL B 85 9.80 4.82 -7.89
C VAL B 85 9.11 6.12 -7.46
N ASP B 86 8.50 6.81 -8.42
CA ASP B 86 7.85 8.08 -8.14
C ASP B 86 6.35 7.97 -7.99
N LEU B 87 5.88 8.14 -6.76
CA LEU B 87 4.46 8.06 -6.49
C LEU B 87 3.72 9.40 -6.47
N GLU B 88 4.42 10.49 -6.21
CA GLU B 88 3.81 11.83 -6.16
C GLU B 88 3.43 12.33 -7.54
N ARG B 89 4.41 12.82 -8.28
CA ARG B 89 4.23 13.32 -9.66
C ARG B 89 2.83 13.34 -10.26
N GLU B 90 2.14 12.20 -10.26
CA GLU B 90 0.79 12.12 -10.78
C GLU B 90 0.04 11.04 -9.99
N ALA B 91 -1.20 11.30 -9.59
CA ALA B 91 -1.90 10.32 -8.81
C ALA B 91 -2.61 9.33 -9.69
N GLY B 92 -2.80 8.12 -9.14
CA GLY B 92 -3.48 7.07 -9.88
C GLY B 92 -2.50 6.18 -10.63
N LYS B 93 -1.28 6.70 -10.77
CA LYS B 93 -0.25 6.00 -11.49
C LYS B 93 1.16 6.25 -10.96
N VAL B 94 2.02 5.24 -11.13
CA VAL B 94 3.40 5.33 -10.68
C VAL B 94 4.35 5.48 -11.89
N TYR B 95 5.38 6.31 -11.70
CA TYR B 95 6.40 6.54 -12.73
C TYR B 95 7.64 5.80 -12.31
N LEU B 96 8.15 4.93 -13.19
CA LEU B 96 9.29 4.14 -12.86
C LEU B 96 10.52 4.36 -13.76
N LYS B 97 11.69 4.00 -13.23
CA LYS B 97 12.93 4.12 -13.97
C LYS B 97 13.75 2.91 -13.59
N ALA B 98 14.32 2.25 -14.58
CA ALA B 98 15.13 1.07 -14.27
C ALA B 98 16.26 0.83 -15.26
N PRO B 99 17.48 0.98 -14.79
CA PRO B 99 18.66 0.77 -15.64
C PRO B 99 19.00 -0.72 -15.69
N MET B 100 19.54 -1.15 -16.84
CA MET B 100 19.97 -2.54 -17.07
C MET B 100 20.83 -2.64 -18.32
N ILE B 101 21.47 -3.77 -18.52
CA ILE B 101 22.21 -3.98 -19.76
C ILE B 101 21.38 -4.97 -20.54
N LEU B 102 20.74 -4.49 -21.60
CA LEU B 102 19.87 -5.31 -22.47
C LEU B 102 20.57 -5.76 -23.77
N ASN B 103 20.78 -7.06 -23.93
CA ASN B 103 21.47 -7.54 -25.12
C ASN B 103 22.77 -6.81 -25.38
N GLY B 104 23.51 -6.53 -24.30
CA GLY B 104 24.79 -5.87 -24.49
C GLY B 104 24.79 -4.37 -24.65
N VAL B 105 23.66 -3.70 -24.44
CA VAL B 105 23.73 -2.24 -24.55
C VAL B 105 23.09 -1.63 -23.33
N CYS B 106 23.75 -0.65 -22.75
CA CYS B 106 23.20 -0.01 -21.54
C CYS B 106 21.94 0.84 -21.85
N VAL B 107 20.87 0.56 -21.13
CA VAL B 107 19.68 1.32 -21.37
C VAL B 107 18.96 1.60 -20.06
N ILE B 108 17.96 2.45 -20.13
CA ILE B 108 17.15 2.74 -19.01
C ILE B 108 15.73 2.56 -19.55
N TRP B 109 14.92 1.86 -18.75
CA TRP B 109 13.53 1.59 -19.04
C TRP B 109 12.75 2.63 -18.24
N LYS B 110 11.93 3.42 -18.92
CA LYS B 110 11.12 4.45 -18.28
C LYS B 110 9.67 4.32 -18.71
N GLY B 111 8.76 4.27 -17.75
CA GLY B 111 7.37 4.18 -18.11
C GLY B 111 6.53 4.43 -16.90
N TRP B 112 5.23 4.49 -17.10
CA TRP B 112 4.28 4.71 -16.01
C TRP B 112 3.17 3.66 -16.03
N ILE B 113 2.59 3.46 -14.86
CA ILE B 113 1.54 2.48 -14.75
C ILE B 113 0.41 2.96 -13.87
N ASP B 114 -0.80 2.79 -14.39
CA ASP B 114 -2.03 3.15 -13.70
C ASP B 114 -2.17 2.16 -12.53
N LEU B 115 -2.07 2.64 -11.29
CA LEU B 115 -2.16 1.74 -10.15
C LEU B 115 -3.47 1.00 -10.06
N GLN B 116 -4.41 1.32 -10.94
CA GLN B 116 -5.70 0.67 -10.91
C GLN B 116 -5.91 -0.31 -12.08
N ARG B 117 -5.60 0.10 -13.31
CA ARG B 117 -5.74 -0.81 -14.45
C ARG B 117 -4.50 -1.80 -14.50
N LEU B 118 -3.36 -1.33 -14.00
CA LEU B 118 -2.15 -2.12 -14.00
C LEU B 118 -1.48 -2.20 -15.38
N ASP B 119 -1.77 -1.24 -16.26
CA ASP B 119 -1.15 -1.17 -17.60
C ASP B 119 -0.63 0.27 -17.83
N GLY B 120 -0.03 0.56 -18.97
CA GLY B 120 0.45 1.90 -19.15
C GLY B 120 1.23 2.17 -20.41
N MET B 121 2.31 2.93 -20.26
CA MET B 121 3.18 3.28 -21.38
C MET B 121 4.61 3.35 -20.88
N GLY B 122 5.52 3.00 -21.78
CA GLY B 122 6.92 3.02 -21.41
C GLY B 122 7.77 2.77 -22.62
N CYS B 123 9.05 2.94 -22.45
CA CYS B 123 9.92 2.74 -23.57
C CYS B 123 11.30 2.57 -23.05
N LEU B 124 12.19 2.29 -23.98
CA LEU B 124 13.57 2.06 -23.65
C LEU B 124 14.29 3.32 -24.05
N GLU B 125 15.27 3.72 -23.26
CA GLU B 125 16.08 4.91 -23.53
C GLU B 125 17.60 4.55 -23.50
N PHE B 126 18.37 4.99 -24.47
CA PHE B 126 19.79 4.66 -24.45
C PHE B 126 20.42 5.33 -23.27
N ASP B 127 21.16 4.60 -22.46
CA ASP B 127 21.81 5.21 -21.29
C ASP B 127 23.28 5.51 -21.58
N GLU B 128 23.55 6.58 -22.29
CA GLU B 128 24.94 6.89 -22.65
C GLU B 128 25.97 7.04 -21.52
N GLU B 129 25.56 7.59 -20.39
CA GLU B 129 26.51 7.72 -19.31
C GLU B 129 27.04 6.30 -18.97
N ARG B 130 26.15 5.40 -18.52
CA ARG B 130 26.48 4.02 -18.19
C ARG B 130 27.28 3.34 -19.29
N ALA B 131 26.88 3.57 -20.52
CA ALA B 131 27.56 2.91 -21.61
C ALA B 131 29.04 3.19 -21.61
N GLN B 132 29.37 4.47 -21.50
CA GLN B 132 30.77 4.89 -21.53
C GLN B 132 31.53 4.36 -20.38
N GLN B 133 30.86 4.07 -19.28
CA GLN B 133 31.63 3.55 -18.20
C GLN B 133 31.89 2.09 -18.43
N GLU B 134 31.18 1.44 -19.36
CA GLU B 134 31.34 -0.01 -19.58
C GLU B 134 32.56 -0.51 -20.33
N VAL C 5 -35.06 15.72 46.92
CA VAL C 5 -33.97 16.31 47.75
C VAL C 5 -33.71 17.75 47.38
N LEU C 6 -32.04 17.95 46.41
CA LEU C 6 -31.84 19.34 46.07
C LEU C 6 -32.00 19.51 44.57
N ALA C 7 -31.34 18.63 43.83
CA ALA C 7 -31.37 18.66 42.36
C ALA C 7 -30.55 19.89 41.84
N ASP C 8 -29.39 19.62 41.20
CA ASP C 8 -28.49 20.67 40.68
C ASP C 8 -26.98 20.33 40.49
N HIS C 9 -26.55 19.80 39.33
CA HIS C 9 -25.10 19.50 39.15
C HIS C 9 -24.34 19.55 37.78
N PRO C 10 -25.03 19.35 36.62
CA PRO C 10 -24.33 19.39 35.33
C PRO C 10 -23.41 20.60 35.12
N GLY C 11 -23.84 21.78 35.59
CA GLY C 11 -23.05 22.98 35.42
C GLY C 11 -23.26 23.70 34.10
N GLU C 12 -22.22 24.45 33.68
CA GLU C 12 -22.19 25.25 32.46
C GLU C 12 -21.95 24.45 31.19
N LEU C 13 -23.01 24.21 30.42
CA LEU C 13 -22.89 23.32 29.24
C LEU C 13 -23.07 23.96 27.91
N VAL C 14 -22.43 23.40 26.90
CA VAL C 14 -22.58 23.88 25.52
C VAL C 14 -22.98 22.71 24.61
N ARG C 15 -23.64 22.96 23.49
CA ARG C 15 -24.00 21.84 22.62
C ARG C 15 -22.69 21.40 21.91
N THR C 16 -22.50 20.09 21.70
CA THR C 16 -21.31 19.58 20.98
C THR C 16 -21.75 19.51 19.51
N ASP C 17 -20.86 19.12 18.60
CA ASP C 17 -21.28 18.96 17.18
C ASP C 17 -22.26 17.76 17.01
N SER C 18 -22.60 17.07 18.08
CA SER C 18 -23.51 15.98 17.92
C SER C 18 -24.82 16.39 18.54
N PRO C 19 -25.93 15.94 17.98
CA PRO C 19 -27.28 16.26 18.48
C PRO C 19 -27.67 15.40 19.66
N ASN C 20 -26.77 14.55 20.09
CA ASN C 20 -27.10 13.70 21.25
C ASN C 20 -26.23 14.01 22.50
N PHE C 21 -25.39 15.05 22.46
CA PHE C 21 -24.52 15.36 23.57
C PHE C 21 -24.24 16.83 23.80
N LEU C 22 -24.07 17.15 25.07
CA LEU C 22 -23.68 18.48 25.47
C LEU C 22 -22.40 18.22 26.30
N CYS C 23 -21.56 19.23 26.49
CA CYS C 23 -20.40 19.02 27.33
C CYS C 23 -20.10 20.37 28.06
N SER C 24 -19.30 20.31 29.11
CA SER C 24 -18.94 21.48 29.91
C SER C 24 -18.20 22.45 29.07
N VAL C 25 -18.24 23.69 29.48
CA VAL C 25 -17.53 24.75 28.80
C VAL C 25 -16.08 24.69 29.26
N LEU C 26 -15.14 24.84 28.38
CA LEU C 26 -13.73 24.76 28.75
C LEU C 26 -13.10 26.15 28.67
N PRO C 27 -12.00 26.34 29.36
CA PRO C 27 -11.34 27.65 29.32
C PRO C 27 -10.86 27.79 27.90
N THR C 28 -10.78 29.03 27.43
CA THR C 28 -10.33 29.24 26.06
C THR C 28 -8.89 28.87 25.83
N HIS C 29 -8.08 29.22 26.82
CA HIS C 29 -6.64 29.01 26.86
C HIS C 29 -6.29 28.43 28.25
N TRP C 30 -5.52 27.34 28.30
CA TRP C 30 -5.14 26.72 29.60
C TRP C 30 -3.75 26.18 29.52
N ARG C 31 -3.19 25.96 30.71
CA ARG C 31 -1.83 25.47 30.82
C ARG C 31 -1.73 23.99 30.61
N CYS C 32 -0.71 23.59 29.91
CA CYS C 32 -0.59 22.20 29.68
C CYS C 32 -0.33 21.44 31.01
N ASN C 33 -0.89 20.25 31.11
CA ASN C 33 -0.77 19.39 32.27
C ASN C 33 -1.34 19.94 33.54
N LYS C 34 -2.08 21.02 33.43
CA LYS C 34 -2.66 21.61 34.62
C LYS C 34 -4.17 21.29 34.81
N THR C 35 -4.53 21.05 36.06
CA THR C 35 -5.89 20.75 36.39
C THR C 35 -6.79 21.87 35.85
N LEU C 36 -7.93 21.48 35.26
CA LEU C 36 -8.88 22.42 34.72
C LEU C 36 -9.64 23.13 35.80
N PRO C 37 -10.14 24.34 35.50
CA PRO C 37 -10.92 25.11 36.49
C PRO C 37 -12.28 24.47 36.87
N ILE C 38 -12.83 23.61 36.03
CA ILE C 38 -14.05 22.90 36.39
C ILE C 38 -13.84 21.48 36.01
N ALA C 39 -14.71 20.56 36.44
CA ALA C 39 -14.56 19.17 36.05
C ALA C 39 -15.25 18.99 34.73
N PHE C 40 -14.52 18.53 33.73
CA PHE C 40 -15.12 18.31 32.42
C PHE C 40 -16.23 17.25 32.50
N LYS C 41 -17.40 17.59 31.98
CA LYS C 41 -18.55 16.70 31.94
C LYS C 41 -19.13 16.50 30.55
N VAL C 42 -19.64 15.30 30.30
CA VAL C 42 -20.31 14.99 29.06
C VAL C 42 -21.76 14.59 29.42
N VAL C 43 -22.71 15.34 28.90
CA VAL C 43 -24.10 15.05 29.16
C VAL C 43 -24.81 14.45 27.95
N ALA C 44 -25.43 13.30 28.14
CA ALA C 44 -26.15 12.62 27.06
C ALA C 44 -27.63 12.99 27.02
N LEU C 45 -28.12 13.38 25.85
CA LEU C 45 -29.53 13.77 25.74
C LEU C 45 -30.34 12.47 25.69
N GLY C 46 -30.18 11.74 24.59
CA GLY C 46 -30.88 10.49 24.44
C GLY C 46 -30.36 9.47 25.41
N ASP C 47 -31.12 8.41 25.62
CA ASP C 47 -30.76 7.36 26.56
C ASP C 47 -29.42 6.75 26.35
N VAL C 48 -28.69 6.55 27.47
CA VAL C 48 -27.37 5.93 27.51
C VAL C 48 -27.26 5.10 28.79
N PRO C 49 -26.91 3.80 28.69
CA PRO C 49 -26.79 2.91 29.87
C PRO C 49 -25.71 3.27 30.89
N ASP C 50 -26.11 3.48 32.15
CA ASP C 50 -25.14 3.80 33.20
C ASP C 50 -23.99 2.85 32.98
N GLY C 51 -22.77 3.33 33.18
CA GLY C 51 -21.62 2.46 32.98
C GLY C 51 -21.03 2.50 31.56
N THR C 52 -21.65 3.24 30.65
CA THR C 52 -21.07 3.31 29.34
C THR C 52 -19.76 4.11 29.51
N LEU C 53 -18.72 3.62 28.87
CA LEU C 53 -17.42 4.25 28.88
C LEU C 53 -17.48 5.45 27.94
N VAL C 54 -16.83 6.57 28.32
CA VAL C 54 -16.79 7.79 27.51
C VAL C 54 -15.33 8.23 27.58
N THR C 55 -14.79 8.67 26.47
CA THR C 55 -13.42 9.11 26.46
C THR C 55 -13.26 10.39 25.67
N VAL C 56 -12.13 11.07 25.87
CA VAL C 56 -11.83 12.31 25.17
C VAL C 56 -10.52 12.20 24.48
N MET C 57 -10.43 12.69 23.26
CA MET C 57 -9.18 12.69 22.50
C MET C 57 -9.13 14.08 21.85
N ALA C 58 -7.92 14.54 21.55
CA ALA C 58 -7.82 15.86 20.99
C ALA C 58 -6.78 15.88 19.90
N GLY C 59 -6.86 16.88 19.03
CA GLY C 59 -5.88 16.99 17.96
C GLY C 59 -6.20 18.24 17.19
N ASN C 60 -5.40 18.56 16.18
CA ASN C 60 -5.67 19.69 15.34
C ASN C 60 -4.66 19.66 14.22
N ASP C 61 -4.68 20.67 13.34
CA ASP C 61 -3.75 20.62 12.22
C ASP C 61 -2.28 20.83 12.55
N GLU C 62 -1.93 20.78 13.83
CA GLU C 62 -0.55 20.99 14.22
C GLU C 62 0.01 19.87 15.13
N ASN C 63 -0.85 19.35 15.99
CA ASN C 63 -0.48 18.26 16.87
C ASN C 63 -1.59 17.31 16.46
N TYR C 64 -1.28 16.27 15.71
CA TYR C 64 -2.35 15.43 15.19
C TYR C 64 -3.04 14.60 16.26
N SER C 65 -2.36 14.45 17.39
CA SER C 65 -2.92 13.69 18.47
C SER C 65 -2.33 14.11 19.83
N ALA C 66 -3.00 15.04 20.49
CA ALA C 66 -2.55 15.54 21.78
C ALA C 66 -2.59 14.52 22.91
N GLU C 67 -1.57 14.57 23.76
CA GLU C 67 -1.45 13.70 24.90
C GLU C 67 -2.34 14.23 26.01
N LEU C 68 -3.14 13.34 26.55
CA LEU C 68 -4.07 13.69 27.60
C LEU C 68 -3.87 12.89 28.86
N ARG C 69 -4.56 13.24 29.93
CA ARG C 69 -4.49 12.49 31.16
C ARG C 69 -5.89 12.35 31.77
N ASN C 70 -6.23 11.14 32.22
CA ASN C 70 -7.52 10.88 32.79
C ASN C 70 -8.60 11.21 31.81
N ALA C 71 -8.43 10.81 30.54
CA ALA C 71 -9.42 11.10 29.51
C ALA C 71 -10.49 10.04 29.48
N THR C 72 -10.83 9.56 30.65
CA THR C 72 -11.76 8.48 30.72
C THR C 72 -12.80 8.71 31.75
N ALA C 73 -14.00 8.18 31.45
CA ALA C 73 -15.11 8.28 32.38
C ALA C 73 -16.31 7.36 32.06
N ALA C 74 -17.25 7.29 32.99
CA ALA C 74 -18.39 6.41 32.80
C ALA C 74 -19.68 7.15 33.02
N MET C 75 -20.65 6.85 32.17
CA MET C 75 -21.95 7.50 32.26
C MET C 75 -22.67 7.07 33.51
N LYS C 76 -23.32 8.02 34.18
CA LYS C 76 -24.13 7.79 35.37
C LYS C 76 -25.27 8.78 35.23
N ASN C 77 -26.49 8.24 35.11
CA ASN C 77 -27.75 9.01 34.89
C ASN C 77 -27.52 10.07 33.82
N GLN C 78 -27.02 9.66 32.65
CA GLN C 78 -26.81 10.58 31.55
C GLN C 78 -25.62 11.57 31.64
N VAL C 79 -24.82 11.48 32.70
CA VAL C 79 -23.70 12.39 32.82
C VAL C 79 -22.42 11.64 33.06
N ALA C 80 -21.43 11.88 32.22
CA ALA C 80 -20.17 11.22 32.45
C ALA C 80 -19.29 12.33 33.01
N ARG C 81 -18.82 12.20 34.25
CA ARG C 81 -17.98 13.27 34.83
C ARG C 81 -16.53 12.88 34.85
N PHE C 82 -15.67 13.66 34.22
CA PHE C 82 -14.28 13.35 34.28
C PHE C 82 -13.60 13.90 35.49
N ASN C 83 -12.79 13.07 36.14
CA ASN C 83 -12.04 13.45 37.32
C ASN C 83 -10.66 13.88 36.80
N ASP C 84 -10.33 15.14 37.00
CA ASP C 84 -9.03 15.64 36.58
C ASP C 84 -8.56 15.47 35.16
N LEU C 85 -9.45 15.64 34.19
CA LEU C 85 -9.00 15.55 32.78
C LEU C 85 -7.91 16.64 32.59
N ARG C 86 -6.83 16.32 31.89
CA ARG C 86 -5.76 17.29 31.60
C ARG C 86 -5.21 17.19 30.22
N PHE C 87 -4.90 18.36 29.66
CA PHE C 87 -4.30 18.37 28.35
C PHE C 87 -2.77 18.52 28.52
N VAL C 88 -2.01 17.53 28.04
CA VAL C 88 -0.54 17.61 28.16
C VAL C 88 0.08 18.11 26.88
N GLY C 89 -0.34 17.59 25.75
CA GLY C 89 0.18 18.09 24.49
C GLY C 89 -0.21 19.54 24.17
N ARG C 90 0.64 20.22 23.41
CA ARG C 90 0.36 21.59 23.10
C ARG C 90 -0.44 21.69 21.82
N SER C 91 -1.20 22.77 21.67
CA SER C 91 -1.99 22.95 20.47
C SER C 91 -1.37 23.89 19.41
N GLY C 92 -0.34 24.67 19.73
CA GLY C 92 0.24 25.56 18.75
C GLY C 92 -0.21 27.02 18.90
N ARG C 93 0.74 27.94 18.74
CA ARG C 93 0.47 29.39 18.82
C ARG C 93 -0.82 29.72 18.08
N GLY C 94 -1.65 30.56 18.67
CA GLY C 94 -2.93 30.90 18.07
C GLY C 94 -3.78 29.71 17.63
N LYS C 95 -3.62 28.54 18.22
CA LYS C 95 -4.44 27.43 17.76
C LYS C 95 -5.19 26.68 18.88
N SER C 96 -6.25 25.97 18.52
CA SER C 96 -6.93 25.28 19.56
C SER C 96 -7.23 23.87 19.12
N PHE C 97 -7.43 23.00 20.10
CA PHE C 97 -7.67 21.61 19.80
C PHE C 97 -9.12 21.35 19.44
N THR C 98 -9.34 20.31 18.69
CA THR C 98 -10.70 19.93 18.36
C THR C 98 -10.85 18.65 19.19
N LEU C 99 -11.88 18.59 20.02
CA LEU C 99 -12.04 17.39 20.80
C LEU C 99 -12.90 16.33 20.13
N THR C 100 -12.60 15.07 20.45
CA THR C 100 -13.41 13.94 19.99
C THR C 100 -13.93 13.23 21.23
N ILE C 101 -15.25 13.29 21.45
CA ILE C 101 -15.86 12.67 22.62
C ILE C 101 -16.56 11.46 22.04
N THR C 102 -16.18 10.28 22.56
CA THR C 102 -16.71 9.00 22.10
C THR C 102 -17.44 8.37 23.25
N VAL C 103 -18.70 8.01 22.99
CA VAL C 103 -19.52 7.36 23.97
C VAL C 103 -19.69 5.94 23.42
N PHE C 104 -19.18 4.98 24.19
CA PHE C 104 -19.14 3.59 23.78
C PHE C 104 -20.39 2.73 23.94
N THR C 105 -21.35 2.97 23.09
CA THR C 105 -22.59 2.21 23.00
C THR C 105 -22.27 1.35 21.75
N ASN C 106 -23.18 0.47 21.30
CA ASN C 106 -22.92 -0.30 20.06
C ASN C 106 -23.91 0.09 19.02
N PRO C 107 -23.50 0.81 17.98
CA PRO C 107 -22.12 1.26 17.82
C PRO C 107 -21.81 2.50 18.63
N PRO C 108 -20.57 2.88 18.65
CA PRO C 108 -20.19 4.07 19.42
C PRO C 108 -20.83 5.32 18.85
N GLN C 109 -21.07 6.32 19.70
CA GLN C 109 -21.59 7.62 19.22
C GLN C 109 -20.43 8.56 19.46
N VAL C 110 -20.15 9.39 18.47
CA VAL C 110 -19.03 10.29 18.54
C VAL C 110 -19.49 11.70 18.36
N ALA C 111 -18.89 12.61 19.13
CA ALA C 111 -19.23 14.03 19.11
C ALA C 111 -17.97 14.85 19.13
N THR C 112 -17.83 15.76 18.19
CA THR C 112 -16.66 16.64 18.22
C THR C 112 -17.07 18.01 18.84
N TYR C 113 -16.07 18.76 19.27
CA TYR C 113 -16.22 20.07 19.84
C TYR C 113 -15.01 20.77 19.21
N HIS C 114 -15.25 21.57 18.18
CA HIS C 114 -14.17 22.22 17.44
C HIS C 114 -13.67 23.47 18.16
N ARG C 115 -12.37 23.77 18.03
CA ARG C 115 -11.76 24.97 18.63
C ARG C 115 -12.19 25.07 20.08
N ALA C 116 -12.07 23.96 20.78
CA ALA C 116 -12.52 23.88 22.16
C ALA C 116 -11.55 24.46 23.14
N ILE C 117 -10.25 24.35 22.88
CA ILE C 117 -9.31 24.88 23.86
C ILE C 117 -7.89 24.97 23.32
N LYS C 118 -7.19 26.04 23.70
CA LYS C 118 -5.79 26.23 23.29
C LYS C 118 -4.94 25.88 24.49
N ILE C 119 -3.96 25.01 24.27
CA ILE C 119 -3.10 24.54 25.33
C ILE C 119 -1.67 24.99 25.07
N THR C 120 -1.13 25.73 26.03
CA THR C 120 0.23 26.22 25.88
C THR C 120 1.00 25.83 27.12
N VAL C 121 2.32 25.96 27.04
CA VAL C 121 3.22 25.63 28.09
C VAL C 121 3.00 26.51 29.34
N ASP C 122 2.65 27.76 29.11
CA ASP C 122 2.43 28.68 30.20
C ASP C 122 0.99 28.86 30.59
N GLY C 123 0.09 28.72 29.62
CA GLY C 123 -1.29 28.95 29.91
C GLY C 123 -1.43 30.48 29.92
N PRO C 124 -2.65 30.98 30.18
CA PRO C 124 -2.95 32.40 30.23
C PRO C 124 -1.99 33.18 31.12
N ARG C 125 -1.49 34.30 30.61
CA ARG C 125 -0.58 35.18 31.37
C ARG C 125 -0.80 36.70 31.19
N GLU C 126 -0.70 37.42 32.28
CA GLU C 126 -0.89 38.88 32.27
C GLU C 126 0.25 39.52 31.49
N PRO C 127 -0.08 40.47 30.60
CA PRO C 127 0.94 41.16 29.79
C PRO C 127 2.05 41.70 30.70
N ARG C 128 3.26 41.88 30.16
CA ARG C 128 4.38 42.40 31.01
C ARG C 128 5.35 43.55 30.56
N ARG C 129 6.84 46.23 30.97
CA ARG C 129 7.86 46.19 29.94
C ARG C 129 7.27 46.58 28.58
N PRO D 1 -31.06 13.64 20.43
CA PRO D 1 -31.34 12.40 19.66
C PRO D 1 -30.08 11.90 18.99
N ARG D 2 -30.06 10.65 18.60
CA ARG D 2 -28.91 10.02 17.99
C ARG D 2 -28.38 10.56 16.72
N VAL D 3 -29.26 10.97 15.83
CA VAL D 3 -28.85 11.53 14.56
C VAL D 3 -29.52 12.84 14.24
N VAL D 4 -29.00 13.57 13.24
CA VAL D 4 -29.64 14.82 12.85
C VAL D 4 -30.71 14.36 11.89
N PRO D 5 -31.69 15.23 11.58
CA PRO D 5 -32.75 14.80 10.65
C PRO D 5 -32.32 14.74 9.21
N ASP D 6 -31.13 15.26 8.90
CA ASP D 6 -30.64 15.33 7.51
C ASP D 6 -29.22 14.82 7.40
N GLN D 7 -28.99 13.57 7.78
CA GLN D 7 -27.68 12.95 7.78
C GLN D 7 -26.95 13.10 6.46
N ARG D 8 -27.59 12.62 5.40
CA ARG D 8 -26.94 12.65 4.11
C ARG D 8 -26.49 14.02 3.74
N SER D 9 -27.37 14.95 3.93
CA SER D 9 -27.00 16.29 3.60
C SER D 9 -25.81 16.79 4.46
N LYS D 10 -25.85 16.53 5.77
CA LYS D 10 -24.77 16.92 6.64
C LYS D 10 -23.45 16.35 6.12
N PHE D 11 -23.45 15.05 5.87
CA PHE D 11 -22.25 14.39 5.36
C PHE D 11 -21.73 15.02 4.06
N GLU D 12 -22.62 15.57 3.23
CA GLU D 12 -22.15 16.15 1.98
C GLU D 12 -21.70 17.58 2.09
N ASN D 13 -22.37 18.34 2.93
CA ASN D 13 -22.10 19.76 2.98
C ASN D 13 -21.18 20.25 4.05
N GLU D 14 -21.02 19.53 5.12
CA GLU D 14 -20.10 20.06 6.09
C GLU D 14 -18.67 19.75 5.78
N GLU D 15 -17.85 20.77 5.91
CA GLU D 15 -16.45 20.64 5.62
C GLU D 15 -15.86 19.55 6.49
N PHE D 16 -16.34 19.45 7.73
CA PHE D 16 -15.83 18.41 8.62
C PHE D 16 -15.81 17.06 7.93
N PHE D 17 -16.95 16.67 7.34
CA PHE D 17 -17.01 15.37 6.67
C PHE D 17 -16.26 15.37 5.33
N ARG D 18 -16.42 16.41 4.53
CA ARG D 18 -15.73 16.52 3.23
C ARG D 18 -14.21 16.23 3.37
N LYS D 19 -13.59 16.87 4.35
CA LYS D 19 -12.19 16.67 4.55
C LYS D 19 -11.84 15.25 4.93
N LEU D 20 -12.82 14.46 5.28
CA LEU D 20 -12.53 13.09 5.69
C LEU D 20 -13.11 12.03 4.74
N SER D 21 -13.74 12.47 3.64
CA SER D 21 -14.39 11.50 2.79
C SER D 21 -13.56 10.90 1.71
N ARG D 22 -12.42 11.52 1.42
CA ARG D 22 -11.46 11.02 0.42
C ARG D 22 -10.34 10.41 1.28
N GLU D 23 -9.70 9.34 0.83
CA GLU D 23 -8.61 8.73 1.60
C GLU D 23 -7.50 9.68 2.01
N CYS D 24 -6.98 9.51 3.22
CA CYS D 24 -5.92 10.37 3.65
C CYS D 24 -5.09 9.71 4.71
N GLU D 25 -3.99 10.39 5.05
CA GLU D 25 -3.05 9.89 6.03
C GLU D 25 -3.63 9.68 7.43
N ILE D 26 -3.63 8.44 7.89
CA ILE D 26 -4.12 8.16 9.22
C ILE D 26 -2.94 7.60 10.00
N LYS D 27 -3.11 7.34 11.28
CA LYS D 27 -1.99 6.85 12.04
C LYS D 27 -2.46 6.35 13.42
N TYR D 28 -1.87 5.23 13.87
CA TYR D 28 -2.19 4.65 15.16
C TYR D 28 -1.69 5.62 16.22
N THR D 29 -2.49 5.90 17.23
CA THR D 29 -2.12 6.85 18.27
C THR D 29 -1.98 6.19 19.66
N GLY D 30 -2.23 4.89 19.72
CA GLY D 30 -2.18 4.17 20.99
C GLY D 30 -0.78 3.96 21.52
N PHE D 31 -0.68 3.90 22.85
CA PHE D 31 0.60 3.74 23.56
C PHE D 31 1.74 4.56 22.97
N ARG D 32 1.48 5.84 22.79
CA ARG D 32 2.45 6.74 22.21
C ARG D 32 3.80 6.78 22.93
N ASP D 33 3.82 6.52 24.22
CA ASP D 33 5.07 6.62 24.96
C ASP D 33 5.98 5.39 24.97
N ARG D 34 5.45 4.23 24.59
CA ARG D 34 6.21 2.99 24.56
C ARG D 34 7.08 2.85 23.33
N PRO D 35 8.11 1.97 23.39
CA PRO D 35 9.02 1.75 22.26
C PRO D 35 8.22 1.30 21.05
N HIS D 36 8.70 1.64 19.87
CA HIS D 36 7.97 1.27 18.67
C HIS D 36 7.58 -0.19 18.55
N GLU D 37 8.50 -1.11 18.87
CA GLU D 37 8.21 -2.54 18.73
C GLU D 37 6.97 -2.96 19.54
N GLU D 38 6.85 -2.40 20.73
CA GLU D 38 5.71 -2.71 21.57
C GLU D 38 4.45 -2.15 20.90
N ARG D 39 4.52 -0.88 20.50
CA ARG D 39 3.39 -0.25 19.88
C ARG D 39 2.91 -1.14 18.74
N GLN D 40 3.86 -1.80 18.10
CA GLN D 40 3.47 -2.70 17.02
C GLN D 40 2.63 -3.88 17.56
N ALA D 41 3.09 -4.47 18.65
CA ALA D 41 2.39 -5.59 19.24
C ALA D 41 1.02 -5.12 19.74
N ARG D 42 1.06 -4.12 20.62
CA ARG D 42 -0.13 -3.52 21.21
C ARG D 42 -1.19 -3.29 20.12
N PHE D 43 -0.78 -2.60 19.04
CA PHE D 43 -1.68 -2.33 17.94
C PHE D 43 -2.42 -3.60 17.52
N GLN D 44 -1.66 -4.57 17.03
CA GLN D 44 -2.21 -5.84 16.57
C GLN D 44 -3.05 -6.60 17.60
N ASN D 45 -2.55 -6.69 18.82
CA ASN D 45 -3.31 -7.38 19.86
C ASN D 45 -4.74 -6.83 19.90
N ALA D 46 -4.84 -5.51 20.12
CA ALA D 46 -6.10 -4.79 20.18
C ALA D 46 -6.92 -4.92 18.90
N CYS D 47 -6.24 -4.93 17.76
CA CYS D 47 -6.95 -5.07 16.50
C CYS D 47 -7.69 -6.38 16.50
N ARG D 48 -7.01 -7.45 16.90
CA ARG D 48 -7.65 -8.74 16.96
C ARG D 48 -8.78 -8.70 18.00
N ASP D 49 -8.69 -7.74 18.92
CA ASP D 49 -9.72 -7.54 19.93
C ASP D 49 -10.89 -6.72 19.32
N GLY D 50 -10.72 -6.27 18.09
CA GLY D 50 -11.75 -5.47 17.44
C GLY D 50 -11.78 -3.99 17.82
N ARG D 51 -10.63 -3.46 18.23
CA ARG D 51 -10.54 -2.07 18.61
C ARG D 51 -9.16 -1.43 18.43
N SER D 52 -9.20 -0.13 18.21
CA SER D 52 -7.98 0.63 18.01
C SER D 52 -8.25 2.10 17.98
N GLU D 53 -7.20 2.90 18.07
CA GLU D 53 -7.30 4.35 18.03
C GLU D 53 -6.47 4.90 16.89
N ILE D 54 -7.09 5.69 16.05
CA ILE D 54 -6.39 6.28 14.93
C ILE D 54 -6.75 7.73 14.70
N ALA D 55 -5.80 8.51 14.21
CA ALA D 55 -6.06 9.92 13.96
C ALA D 55 -5.94 10.26 12.49
N PHE D 56 -6.80 11.14 11.97
CA PHE D 56 -6.63 11.57 10.60
C PHE D 56 -5.59 12.68 10.81
N VAL D 57 -4.33 12.36 10.44
CA VAL D 57 -3.14 13.22 10.59
C VAL D 57 -3.24 14.66 10.13
N ALA D 58 -3.70 14.89 8.93
CA ALA D 58 -3.77 16.29 8.48
C ALA D 58 -4.67 17.21 9.34
N THR D 59 -5.81 16.72 9.79
CA THR D 59 -6.69 17.54 10.58
C THR D 59 -6.53 17.33 12.06
N GLY D 60 -5.93 16.20 12.44
CA GLY D 60 -5.79 15.94 13.86
C GLY D 60 -7.11 15.44 14.41
N THR D 61 -7.99 14.91 13.58
CA THR D 61 -9.23 14.35 14.10
C THR D 61 -9.03 12.92 14.61
N ASN D 62 -9.09 12.73 15.93
CA ASN D 62 -8.92 11.42 16.53
C ASN D 62 -10.24 10.66 16.59
N LEU D 63 -10.13 9.32 16.63
CA LEU D 63 -11.28 8.42 16.74
C LEU D 63 -10.87 7.10 17.41
N SER D 64 -11.73 6.54 18.26
CA SER D 64 -11.46 5.24 18.83
C SER D 64 -12.42 4.46 17.94
N LEU D 65 -11.99 3.27 17.49
CA LEU D 65 -12.78 2.45 16.60
C LEU D 65 -13.16 1.11 17.16
N GLN D 66 -14.33 0.62 16.78
CA GLN D 66 -14.83 -0.69 17.18
C GLN D 66 -15.11 -1.36 15.86
N PHE D 67 -14.45 -2.47 15.58
CA PHE D 67 -14.66 -3.16 14.32
C PHE D 67 -15.63 -4.33 14.44
N PHE D 68 -16.91 -4.02 14.59
CA PHE D 68 -17.95 -5.03 14.67
C PHE D 68 -19.10 -4.35 13.98
N PRO D 69 -20.13 -5.09 13.61
CA PRO D 69 -21.27 -4.46 12.94
C PRO D 69 -22.17 -3.79 13.98
N ALA D 70 -22.86 -2.71 13.63
CA ALA D 70 -23.72 -2.10 14.63
C ALA D 70 -24.54 -3.21 15.33
N SER D 71 -24.61 -3.13 16.68
CA SER D 71 -25.34 -4.10 17.55
C SER D 71 -24.44 -5.11 18.29
N TRP D 72 -24.32 -4.92 19.60
CA TRP D 72 -23.49 -5.81 20.42
C TRP D 72 -23.98 -5.83 21.86
N GLN D 73 -23.78 -6.97 22.53
CA GLN D 73 -24.19 -7.13 23.93
C GLN D 73 -25.65 -6.73 24.12
N THR D 79 -15.12 -11.45 19.34
CA THR D 79 -14.03 -11.48 18.35
C THR D 79 -14.47 -10.92 17.00
N PRO D 80 -13.60 -10.13 16.38
CA PRO D 80 -13.93 -9.53 15.07
C PRO D 80 -13.96 -10.54 13.92
N SER D 81 -14.52 -10.11 12.79
CA SER D 81 -14.64 -10.90 11.58
C SER D 81 -13.60 -10.43 10.58
N ARG D 82 -13.28 -11.27 9.60
CA ARG D 82 -12.30 -10.90 8.60
C ARG D 82 -12.86 -9.70 7.82
N GLU D 83 -14.19 -9.54 7.86
CA GLU D 83 -14.85 -8.45 7.16
C GLU D 83 -14.51 -7.11 7.79
N TYR D 84 -14.35 -7.12 9.11
CA TYR D 84 -14.02 -5.91 9.90
C TYR D 84 -12.54 -5.75 10.22
N VAL D 85 -11.89 -6.88 10.52
CA VAL D 85 -10.44 -6.92 10.80
C VAL D 85 -9.89 -7.93 9.76
N ASP D 86 -9.45 -7.41 8.62
CA ASP D 86 -8.93 -8.25 7.55
C ASP D 86 -7.44 -8.31 7.50
N LEU D 87 -6.89 -9.46 7.87
CA LEU D 87 -5.45 -9.65 7.84
C LEU D 87 -4.87 -10.32 6.58
N GLU D 88 -5.69 -11.06 5.84
CA GLU D 88 -5.25 -11.75 4.62
C GLU D 88 -5.06 -10.76 3.48
N ARG D 89 -6.17 -10.34 2.87
CA ARG D 89 -6.18 -9.37 1.79
C ARG D 89 -4.84 -8.86 1.24
N GLU D 90 -3.99 -8.35 2.11
CA GLU D 90 -2.67 -7.82 1.74
C GLU D 90 -1.77 -8.00 2.97
N ALA D 91 -0.55 -8.47 2.76
CA ALA D 91 0.34 -8.69 3.89
C ALA D 91 1.11 -7.42 4.20
N GLY D 92 1.53 -7.34 5.47
CA GLY D 92 2.26 -6.16 5.94
C GLY D 92 1.33 -5.04 6.45
N LYS D 93 0.04 -5.17 6.12
CA LYS D 93 -0.96 -4.21 6.52
C LYS D 93 -2.34 -4.80 6.79
N VAL D 94 -3.06 -4.19 7.72
CA VAL D 94 -4.41 -4.64 8.05
C VAL D 94 -5.47 -3.68 7.47
N TYR D 95 -6.59 -4.24 7.05
CA TYR D 95 -7.66 -3.44 6.52
C TYR D 95 -8.76 -3.46 7.55
N LEU D 96 -9.24 -2.28 7.91
CA LEU D 96 -10.27 -2.22 8.95
C LEU D 96 -11.56 -1.56 8.51
N LYS D 97 -12.61 -1.86 9.25
CA LYS D 97 -13.92 -1.30 8.98
C LYS D 97 -14.59 -1.05 10.36
N ALA D 98 -15.08 0.17 10.58
CA ALA D 98 -15.72 0.49 11.85
C ALA D 98 -16.89 1.42 11.71
N PRO D 99 -18.09 0.91 12.01
CA PRO D 99 -19.29 1.75 11.93
C PRO D 99 -19.44 2.52 13.25
N MET D 100 -19.98 3.75 13.19
CA MET D 100 -20.25 4.58 14.38
C MET D 100 -21.19 5.72 13.99
N ILE D 101 -21.73 6.45 14.99
CA ILE D 101 -22.54 7.61 14.67
C ILE D 101 -21.71 8.80 15.03
N LEU D 102 -21.18 9.48 14.02
CA LEU D 102 -20.30 10.65 14.17
C LEU D 102 -21.05 12.01 14.00
N ASN D 103 -21.15 12.79 15.08
CA ASN D 103 -21.86 14.07 15.04
C ASN D 103 -23.27 13.88 14.45
N GLY D 104 -23.96 12.84 14.90
CA GLY D 104 -25.30 12.61 14.44
C GLY D 104 -25.49 12.00 13.06
N VAL D 105 -24.42 11.54 12.39
CA VAL D 105 -24.65 10.94 11.10
C VAL D 105 -24.01 9.57 11.05
N CYS D 106 -24.73 8.57 10.57
CA CYS D 106 -24.16 7.25 10.51
C CYS D 106 -23.08 7.12 9.44
N VAL D 107 -21.91 6.65 9.85
CA VAL D 107 -20.83 6.51 8.91
C VAL D 107 -20.08 5.27 9.21
N ILE D 108 -19.16 4.93 8.32
CA ILE D 108 -18.30 3.77 8.46
C ILE D 108 -16.93 4.29 8.12
N TRP D 109 -16.00 3.98 9.01
CA TRP D 109 -14.61 4.37 8.88
C TRP D 109 -13.91 3.20 8.20
N LYS D 110 -13.25 3.47 7.09
CA LYS D 110 -12.54 2.42 6.33
C LYS D 110 -11.14 2.87 6.04
N GLY D 111 -10.17 2.07 6.47
CA GLY D 111 -8.78 2.40 6.23
C GLY D 111 -7.90 1.18 6.43
N TRP D 112 -6.64 1.32 6.04
CA TRP D 112 -5.67 0.24 6.19
C TRP D 112 -4.47 0.82 6.93
N ILE D 113 -3.72 -0.08 7.56
CA ILE D 113 -2.56 0.31 8.29
C ILE D 113 -1.42 -0.68 8.09
N ASP D 114 -0.23 -0.13 7.86
CA ASP D 114 1.00 -0.88 7.69
C ASP D 114 1.36 -1.42 9.07
N LEU D 115 1.25 -2.73 9.29
CA LEU D 115 1.56 -3.29 10.60
C LEU D 115 3.00 -3.02 11.09
N GLN D 116 3.81 -2.40 10.23
CA GLN D 116 5.17 -2.11 10.61
C GLN D 116 5.39 -0.60 10.85
N ARG D 117 4.93 0.26 9.96
CA ARG D 117 5.11 1.70 10.19
C ARG D 117 4.06 2.20 11.22
N LEU D 118 2.90 1.56 11.22
CA LEU D 118 1.78 1.94 12.09
C LEU D 118 1.03 3.22 11.62
N ASP D 119 1.07 3.48 10.30
CA ASP D 119 0.35 4.61 9.69
C ASP D 119 -0.37 4.10 8.43
N GLY D 120 -1.04 4.96 7.68
CA GLY D 120 -1.72 4.43 6.53
C GLY D 120 -2.61 5.40 5.80
N MET D 121 -3.77 4.89 5.40
CA MET D 121 -4.77 5.70 4.70
C MET D 121 -6.15 5.24 5.15
N GLY D 122 -7.09 6.16 5.10
CA GLY D 122 -8.45 5.82 5.48
C GLY D 122 -9.38 6.99 5.21
N CYS D 123 -10.66 6.78 5.38
CA CYS D 123 -11.56 7.85 5.15
C CYS D 123 -12.87 7.46 5.77
N LEU D 124 -13.80 8.38 5.71
CA LEU D 124 -15.10 8.21 6.29
C LEU D 124 -16.00 7.98 5.12
N GLU D 125 -16.97 7.08 5.30
CA GLU D 125 -17.92 6.74 4.23
C GLU D 125 -19.37 6.86 4.77
N PHE D 126 -20.28 7.48 4.02
CA PHE D 126 -21.65 7.59 4.53
C PHE D 126 -22.25 6.19 4.61
N ASP D 127 -22.80 5.83 5.76
CA ASP D 127 -23.41 4.53 5.89
C ASP D 127 -24.93 4.60 5.64
N GLU D 128 -25.33 4.67 4.38
CA GLU D 128 -26.76 4.82 4.08
C GLU D 128 -27.62 3.72 4.65
N GLU D 129 -27.10 2.50 4.77
CA GLU D 129 -27.95 1.43 5.31
C GLU D 129 -28.44 1.88 6.70
N ARG D 130 -27.49 2.08 7.64
CA ARG D 130 -27.73 2.51 9.03
C ARG D 130 -28.54 3.79 9.15
N ALA D 131 -28.12 4.81 8.43
CA ALA D 131 -28.81 6.09 8.48
C ALA D 131 -30.32 5.90 8.25
N GLN D 132 -30.67 4.94 7.42
CA GLN D 132 -32.06 4.66 7.08
C GLN D 132 -32.76 3.97 8.29
N GLN D 133 -32.04 3.21 9.10
CA GLN D 133 -32.67 2.55 10.26
C GLN D 133 -32.77 3.45 11.49
N GLU D 134 -32.04 4.56 11.51
CA GLU D 134 -32.04 5.46 12.68
C GLU D 134 -33.24 6.39 12.92
#